data_4HQB
#
_entry.id   4HQB
#
_cell.length_a   110.700
_cell.length_b   110.700
_cell.length_c   58.776
_cell.angle_alpha   90.00
_cell.angle_beta   90.00
_cell.angle_gamma   120.00
#
_symmetry.space_group_name_H-M   'P 32'
#
loop_
_entity.id
_entity.type
_entity.pdbx_description
1 polymer 'Single-stranded DNA-binding protein DdrB'
2 polymer "5'-D(*TP*TP*TP*T)-3'"
3 polymer "5'-D(P*TP*TP*TP*TP*T)-3'"
4 water water
#
loop_
_entity_poly.entity_id
_entity_poly.type
_entity_poly.pdbx_seq_one_letter_code
_entity_poly.pdbx_strand_id
1 'polypeptide(L)'
;DPFTMLQIEFITDLGARVTVNVEHESRLLDVQRHYGRLGWTSGEIPSGGYQFPIENEADFDWSLIGARKWKSPEGEELVI
HRGHAYRRRELEAVDSRKLKLPAAIKYSRGAKVSDPQHVREKADGDIEYVSLAIFRGGKRQERYAVPG
;
A,B,C,D,E
2 'polydeoxyribonucleotide' (DT)(DT)(DT)(DT) M
3 'polydeoxyribonucleotide' (DT)(DT)(DT)(DT)(DT) N
#
# COMPACT_ATOMS: atom_id res chain seq x y z
N MET A 5 13.67 14.76 -12.46
CA MET A 5 13.92 13.33 -12.24
C MET A 5 12.78 12.67 -11.43
N LEU A 6 11.97 11.87 -12.10
CA LEU A 6 10.79 11.25 -11.49
C LEU A 6 10.99 9.74 -11.34
N GLN A 7 10.31 9.16 -10.35
CA GLN A 7 10.19 7.72 -10.24
C GLN A 7 8.73 7.31 -10.34
N ILE A 8 8.47 6.19 -11.00
CA ILE A 8 7.12 5.64 -11.07
C ILE A 8 7.08 4.16 -10.69
N GLU A 9 6.18 3.82 -9.78
CA GLU A 9 6.00 2.44 -9.31
C GLU A 9 4.98 1.66 -10.16
N PHE A 10 5.43 0.53 -10.69
CA PHE A 10 4.62 -0.34 -11.50
C PHE A 10 4.36 -1.67 -10.82
N ILE A 11 3.32 -2.35 -11.28
CA ILE A 11 3.12 -3.79 -11.01
C ILE A 11 3.18 -4.45 -12.38
N THR A 12 4.15 -5.36 -12.57
CA THR A 12 4.33 -6.01 -13.87
C THR A 12 3.18 -6.99 -14.17
N ASP A 13 3.20 -7.56 -15.36
CA ASP A 13 2.22 -8.57 -15.72
C ASP A 13 2.42 -9.83 -14.88
N LEU A 14 3.61 -9.96 -14.29
CA LEU A 14 3.88 -11.08 -13.39
C LEU A 14 3.61 -10.69 -11.95
N GLY A 15 3.07 -9.49 -11.76
CA GLY A 15 2.71 -9.01 -10.44
C GLY A 15 3.90 -8.48 -9.65
N ALA A 16 5.08 -8.48 -10.26
CA ALA A 16 6.27 -7.97 -9.55
C ALA A 16 6.20 -6.45 -9.30
N ARG A 17 6.74 -6.04 -8.15
CA ARG A 17 6.77 -4.62 -7.74
C ARG A 17 8.04 -3.95 -8.21
N VAL A 18 7.91 -3.16 -9.28
CA VAL A 18 9.04 -2.60 -9.99
C VAL A 18 8.98 -1.06 -10.02
N THR A 19 10.14 -0.43 -9.86
CA THR A 19 10.23 1.02 -9.91
C THR A 19 11.11 1.45 -11.08
N VAL A 20 10.57 2.33 -11.92
CA VAL A 20 11.34 2.89 -13.02
C VAL A 20 11.67 4.37 -12.83
N ASN A 21 12.89 4.75 -13.19
CA ASN A 21 13.27 6.15 -13.19
C ASN A 21 12.96 6.85 -14.51
N VAL A 22 12.46 8.08 -14.40
CA VAL A 22 12.06 8.86 -15.56
C VAL A 22 12.88 10.14 -15.61
N GLU A 23 13.64 10.32 -16.69
CA GLU A 23 14.59 11.43 -16.83
C GLU A 23 13.97 12.81 -16.67
N HIS A 24 12.89 13.05 -17.41
CA HIS A 24 12.16 14.31 -17.31
C HIS A 24 10.67 14.05 -17.17
N GLU A 25 9.99 14.90 -16.41
CA GLU A 25 8.56 14.76 -16.15
C GLU A 25 7.72 14.66 -17.43
N SER A 26 8.11 15.42 -18.45
CA SER A 26 7.37 15.45 -19.72
C SER A 26 7.25 14.07 -20.38
N ARG A 27 8.11 13.15 -19.98
CA ARG A 27 8.16 11.81 -20.56
C ARG A 27 7.31 10.80 -19.78
N LEU A 28 6.64 11.28 -18.74
CA LEU A 28 5.87 10.40 -17.85
C LEU A 28 4.88 9.49 -18.58
N LEU A 29 3.95 10.10 -19.33
CA LEU A 29 2.96 9.33 -20.08
C LEU A 29 3.60 8.36 -21.09
N ASP A 30 4.67 8.76 -21.76
CA ASP A 30 5.29 7.88 -22.73
C ASP A 30 5.89 6.65 -22.06
N VAL A 31 6.31 6.82 -20.81
CA VAL A 31 6.80 5.71 -20.00
C VAL A 31 5.66 4.79 -19.52
N GLN A 32 4.55 5.38 -19.07
CA GLN A 32 3.35 4.59 -18.76
C GLN A 32 2.90 3.79 -19.98
N ARG A 33 2.87 4.45 -21.13
CA ARG A 33 2.55 3.78 -22.39
C ARG A 33 3.52 2.64 -22.69
N HIS A 34 4.81 2.86 -22.46
CA HIS A 34 5.81 1.86 -22.83
C HIS A 34 5.67 0.58 -21.99
N TYR A 35 5.54 0.73 -20.68
CA TYR A 35 5.32 -0.42 -19.82
C TYR A 35 3.87 -0.88 -19.83
N GLY A 36 2.95 0.05 -20.05
CA GLY A 36 1.54 -0.31 -20.13
C GLY A 36 1.23 -1.20 -21.32
N ARG A 37 1.98 -1.06 -22.41
CA ARG A 37 1.83 -1.95 -23.56
C ARG A 37 2.24 -3.37 -23.18
N LEU A 38 3.04 -3.52 -22.14
CA LEU A 38 3.46 -4.85 -21.69
C LEU A 38 2.55 -5.42 -20.61
N GLY A 39 1.40 -4.79 -20.40
CA GLY A 39 0.52 -5.19 -19.32
C GLY A 39 0.86 -4.62 -17.95
N TRP A 40 1.89 -3.78 -17.86
CA TRP A 40 2.24 -3.18 -16.57
C TRP A 40 1.25 -2.10 -16.18
N THR A 41 0.89 -2.06 -14.90
CA THR A 41 0.04 -0.98 -14.39
C THR A 41 0.69 -0.22 -13.23
N SER A 42 0.29 1.04 -13.09
CA SER A 42 0.75 1.88 -11.97
C SER A 42 -0.43 2.40 -11.15
N GLY A 43 -0.48 2.05 -9.87
CA GLY A 43 -1.56 2.50 -9.02
C GLY A 43 -2.78 1.59 -9.07
N GLU A 44 -3.84 1.98 -8.41
CA GLU A 44 -5.08 1.23 -8.49
C GLU A 44 -6.00 1.96 -9.43
N ILE A 45 -7.01 1.25 -9.91
CA ILE A 45 -8.08 1.90 -10.64
C ILE A 45 -8.82 2.84 -9.67
N PRO A 46 -8.87 4.15 -10.00
CA PRO A 46 -9.58 5.19 -9.23
C PRO A 46 -11.01 4.79 -8.91
N SER A 47 -11.56 5.45 -7.89
CA SER A 47 -12.97 5.31 -7.53
C SER A 47 -13.86 5.55 -8.73
N GLY A 48 -14.66 4.55 -9.07
CA GLY A 48 -15.58 4.69 -10.19
C GLY A 48 -14.93 4.65 -11.56
N GLY A 49 -13.67 4.23 -11.62
CA GLY A 49 -12.95 4.10 -12.87
C GLY A 49 -12.17 5.36 -13.22
N TYR A 50 -11.25 5.25 -14.17
CA TYR A 50 -10.60 6.44 -14.70
C TYR A 50 -11.65 7.30 -15.43
N GLN A 51 -11.52 8.62 -15.31
CA GLN A 51 -12.51 9.52 -15.93
C GLN A 51 -11.88 10.33 -17.05
N PHE A 52 -12.41 10.20 -18.25
CA PHE A 52 -11.80 10.86 -19.41
C PHE A 52 -12.88 11.61 -20.18
N PRO A 53 -12.46 12.54 -21.05
CA PRO A 53 -13.38 13.26 -21.93
C PRO A 53 -14.09 12.30 -22.86
N ILE A 54 -15.36 12.55 -23.17
CA ILE A 54 -16.07 11.66 -24.07
C ILE A 54 -15.35 11.61 -25.42
N GLU A 55 -14.88 12.77 -25.92
CA GLU A 55 -14.23 12.82 -27.24
C GLU A 55 -12.91 12.05 -27.31
N ASN A 56 -12.39 11.56 -26.18
CA ASN A 56 -11.24 10.65 -26.24
C ASN A 56 -11.61 9.17 -26.29
N GLU A 57 -12.91 8.86 -26.30
CA GLU A 57 -13.29 7.45 -26.18
C GLU A 57 -12.93 6.59 -27.40
N ALA A 58 -13.16 7.09 -28.60
CA ALA A 58 -13.09 6.23 -29.79
C ALA A 58 -11.67 5.83 -30.21
N ASP A 59 -10.67 6.62 -29.85
CA ASP A 59 -9.30 6.30 -30.21
C ASP A 59 -8.39 6.36 -28.98
N PHE A 60 -8.96 6.04 -27.82
CA PHE A 60 -8.23 6.03 -26.56
C PHE A 60 -7.10 4.99 -26.57
N ASP A 61 -5.95 5.36 -26.02
CA ASP A 61 -4.77 4.50 -25.99
C ASP A 61 -4.79 3.69 -24.70
N TRP A 62 -5.42 2.53 -24.77
CA TRP A 62 -5.64 1.70 -23.61
C TRP A 62 -4.32 1.27 -22.95
N SER A 63 -3.24 1.29 -23.72
CA SER A 63 -1.93 0.94 -23.16
C SER A 63 -1.49 1.95 -22.08
N LEU A 64 -2.12 3.12 -22.06
CA LEU A 64 -1.80 4.15 -21.05
C LEU A 64 -2.07 3.65 -19.65
N ILE A 65 -3.07 2.79 -19.51
CA ILE A 65 -3.43 2.27 -18.20
C ILE A 65 -3.21 0.76 -18.17
N GLY A 66 -2.35 0.28 -19.06
CA GLY A 66 -1.94 -1.10 -19.06
C GLY A 66 -3.00 -2.04 -19.58
N ALA A 67 -4.01 -1.50 -20.27
CA ALA A 67 -5.06 -2.32 -20.84
C ALA A 67 -4.86 -2.53 -22.35
N ARG A 68 -5.67 -3.40 -22.92
CA ARG A 68 -5.66 -3.60 -24.36
C ARG A 68 -7.07 -3.92 -24.83
N LYS A 69 -7.35 -3.54 -26.08
CA LYS A 69 -8.60 -3.89 -26.76
C LYS A 69 -8.52 -5.25 -27.44
N TRP A 70 -9.57 -6.05 -27.30
CA TRP A 70 -9.73 -7.28 -28.08
C TRP A 70 -11.16 -7.43 -28.62
N LYS A 71 -11.26 -7.75 -29.90
CA LYS A 71 -12.55 -7.90 -30.57
C LYS A 71 -12.95 -9.38 -30.58
N SER A 72 -14.01 -9.72 -29.88
CA SER A 72 -14.44 -11.11 -29.80
C SER A 72 -15.11 -11.59 -31.08
N PRO A 73 -15.10 -12.91 -31.32
CA PRO A 73 -15.96 -13.45 -32.38
C PRO A 73 -17.42 -13.10 -32.08
N GLU A 74 -18.24 -13.03 -33.12
CA GLU A 74 -19.60 -12.48 -33.04
C GLU A 74 -19.58 -10.98 -32.81
N GLY A 75 -18.42 -10.37 -33.07
CA GLY A 75 -18.26 -8.93 -33.11
C GLY A 75 -18.55 -8.20 -31.82
N GLU A 76 -17.59 -8.23 -30.90
CA GLU A 76 -17.73 -7.49 -29.64
C GLU A 76 -16.37 -6.99 -29.14
N GLU A 77 -16.30 -5.69 -28.91
CA GLU A 77 -15.04 -5.06 -28.55
C GLU A 77 -14.89 -4.96 -27.03
N LEU A 78 -14.03 -5.82 -26.50
CA LEU A 78 -13.77 -5.88 -25.07
C LEU A 78 -12.47 -5.17 -24.71
N VAL A 79 -12.39 -4.73 -23.45
CA VAL A 79 -11.11 -4.26 -22.93
C VAL A 79 -10.60 -5.21 -21.86
N ILE A 80 -9.35 -5.65 -22.01
CA ILE A 80 -8.71 -6.56 -21.07
C ILE A 80 -7.76 -5.74 -20.20
N HIS A 81 -7.78 -5.98 -18.90
CA HIS A 81 -6.98 -5.21 -17.96
C HIS A 81 -6.73 -6.07 -16.74
N ARG A 82 -5.44 -6.29 -16.43
CA ARG A 82 -5.03 -7.24 -15.38
C ARG A 82 -5.85 -8.53 -15.35
N GLY A 83 -6.08 -9.14 -16.51
CA GLY A 83 -6.76 -10.43 -16.55
C GLY A 83 -8.28 -10.36 -16.35
N HIS A 84 -8.85 -9.17 -16.50
CA HIS A 84 -10.29 -9.01 -16.38
C HIS A 84 -10.80 -8.49 -17.71
N ALA A 85 -11.96 -8.98 -18.13
CA ALA A 85 -12.61 -8.44 -19.33
C ALA A 85 -13.64 -7.35 -18.97
N TYR A 86 -13.52 -6.19 -19.61
CA TYR A 86 -14.46 -5.08 -19.41
C TYR A 86 -15.25 -4.82 -20.69
N ARG A 87 -16.52 -4.50 -20.53
CA ARG A 87 -17.45 -4.29 -21.65
C ARG A 87 -17.88 -2.83 -21.82
N ARG A 88 -18.01 -2.38 -23.05
CA ARG A 88 -18.47 -1.02 -23.37
C ARG A 88 -19.99 -0.83 -23.25
N ARG A 89 -20.40 -0.02 -22.27
CA ARG A 89 -21.79 0.20 -21.95
C ARG A 89 -22.16 1.67 -22.04
N GLU A 90 -23.43 1.92 -22.37
CA GLU A 90 -23.97 3.26 -22.50
C GLU A 90 -24.61 3.69 -21.20
N LEU A 91 -24.30 4.91 -20.78
CA LEU A 91 -24.97 5.47 -19.62
C LEU A 91 -25.83 6.62 -20.11
N GLU A 92 -27.11 6.62 -19.73
CA GLU A 92 -27.98 7.72 -20.13
C GLU A 92 -27.60 9.00 -19.39
N ALA A 93 -27.93 10.14 -19.99
CA ALA A 93 -27.83 11.43 -19.34
C ALA A 93 -28.59 11.40 -18.02
N VAL A 94 -28.15 12.22 -17.06
CA VAL A 94 -28.85 12.38 -15.80
C VAL A 94 -29.65 13.69 -15.85
N ASP A 95 -30.91 13.64 -15.44
CA ASP A 95 -31.74 14.85 -15.42
C ASP A 95 -32.56 14.96 -14.15
N SER A 96 -32.23 15.98 -13.36
CA SER A 96 -33.01 16.34 -12.19
C SER A 96 -32.58 17.72 -11.75
N ARG A 97 -32.98 18.09 -10.54
CA ARG A 97 -32.39 19.22 -9.85
C ARG A 97 -32.00 18.68 -8.49
N LYS A 98 -30.74 18.87 -8.10
CA LYS A 98 -29.78 19.64 -8.88
C LYS A 98 -28.63 18.78 -9.36
N LEU A 99 -28.83 18.11 -10.48
CA LEU A 99 -27.74 17.41 -11.16
C LEU A 99 -28.13 17.14 -12.59
N LYS A 100 -27.38 17.71 -13.53
CA LYS A 100 -27.54 17.42 -14.94
C LYS A 100 -26.18 16.98 -15.47
N LEU A 101 -26.12 15.78 -16.04
CA LEU A 101 -24.92 15.24 -16.68
C LEU A 101 -25.28 14.77 -18.08
N PRO A 102 -24.36 14.93 -19.04
CA PRO A 102 -24.55 14.34 -20.38
C PRO A 102 -24.46 12.83 -20.28
N ALA A 103 -24.81 12.12 -21.37
CA ALA A 103 -24.66 10.67 -21.42
C ALA A 103 -23.16 10.29 -21.37
N ALA A 104 -22.88 9.00 -21.18
CA ALA A 104 -21.49 8.59 -21.04
C ALA A 104 -21.25 7.20 -21.57
N ILE A 105 -20.00 6.92 -21.87
CA ILE A 105 -19.54 5.57 -22.15
C ILE A 105 -18.80 4.99 -20.94
N LYS A 106 -19.30 3.85 -20.48
CA LYS A 106 -18.75 3.19 -19.33
C LYS A 106 -18.17 1.84 -19.71
N TYR A 107 -16.92 1.61 -19.35
CA TYR A 107 -16.34 0.30 -19.48
C TYR A 107 -16.35 -0.38 -18.10
N SER A 108 -17.06 -1.51 -17.99
CA SER A 108 -17.23 -2.16 -16.67
C SER A 108 -17.50 -3.64 -16.74
N ARG A 109 -17.54 -4.28 -15.56
CA ARG A 109 -17.72 -5.72 -15.44
C ARG A 109 -18.39 -6.01 -14.11
N GLY A 110 -18.95 -7.22 -13.98
CA GLY A 110 -19.56 -7.68 -12.74
C GLY A 110 -18.52 -7.75 -11.64
N ALA A 111 -18.93 -7.49 -10.40
CA ALA A 111 -18.01 -7.63 -9.27
C ALA A 111 -17.95 -9.11 -8.98
N LYS A 112 -16.75 -9.62 -8.75
CA LYS A 112 -16.55 -11.02 -8.42
C LYS A 112 -16.34 -11.15 -6.92
N VAL A 113 -16.50 -12.36 -6.39
CA VAL A 113 -16.31 -12.60 -4.97
C VAL A 113 -14.93 -12.13 -4.48
N SER A 114 -13.93 -12.12 -5.35
CA SER A 114 -12.57 -11.76 -4.91
C SER A 114 -12.29 -10.26 -5.01
N ASP A 115 -13.24 -9.49 -5.52
CA ASP A 115 -13.10 -8.04 -5.56
C ASP A 115 -13.34 -7.47 -4.18
N PRO A 116 -12.38 -6.65 -3.70
CA PRO A 116 -12.57 -5.98 -2.41
C PRO A 116 -13.68 -4.94 -2.47
N GLN A 117 -14.19 -4.58 -1.30
CA GLN A 117 -15.35 -3.71 -1.20
C GLN A 117 -15.12 -2.29 -1.71
N HIS A 118 -13.87 -1.82 -1.75
CA HIS A 118 -13.60 -0.44 -2.16
C HIS A 118 -13.64 -0.19 -3.68
N VAL A 119 -13.73 -1.25 -4.47
CA VAL A 119 -13.72 -1.10 -5.92
C VAL A 119 -15.11 -1.32 -6.49
N ARG A 120 -16.03 -1.73 -5.62
CA ARG A 120 -17.39 -1.98 -6.04
C ARG A 120 -18.21 -0.68 -6.13
N GLU A 121 -19.15 -0.66 -7.07
CA GLU A 121 -20.05 0.47 -7.29
C GLU A 121 -21.46 -0.06 -7.49
N LYS A 122 -22.45 0.70 -7.04
CA LYS A 122 -23.84 0.27 -7.11
C LYS A 122 -24.72 1.42 -7.56
N ALA A 123 -25.45 1.24 -8.66
CA ALA A 123 -26.51 2.20 -9.04
C ALA A 123 -27.86 1.51 -9.05
N ASP A 124 -28.91 2.27 -8.80
CA ASP A 124 -30.28 1.72 -8.78
C ASP A 124 -30.68 1.08 -10.09
N GLY A 125 -31.48 0.01 -10.00
CA GLY A 125 -31.96 -0.67 -11.19
C GLY A 125 -31.07 -1.77 -11.73
N ASP A 126 -29.90 -1.96 -11.12
CA ASP A 126 -28.99 -3.06 -11.49
C ASP A 126 -28.04 -3.39 -10.36
N ILE A 127 -27.40 -4.54 -10.50
CA ILE A 127 -26.47 -5.03 -9.48
C ILE A 127 -25.12 -4.30 -9.52
N GLU A 128 -24.35 -4.49 -8.46
CA GLU A 128 -23.06 -3.85 -8.33
C GLU A 128 -22.12 -4.22 -9.47
N TYR A 129 -21.17 -3.35 -9.75
CA TYR A 129 -20.24 -3.57 -10.84
C TYR A 129 -18.89 -3.01 -10.47
N VAL A 130 -17.91 -3.25 -11.32
CA VAL A 130 -16.61 -2.67 -11.15
C VAL A 130 -16.30 -1.97 -12.44
N SER A 131 -15.94 -0.69 -12.34
CA SER A 131 -15.80 0.13 -13.53
C SER A 131 -14.31 0.37 -13.82
N LEU A 132 -13.93 0.29 -15.09
CA LEU A 132 -12.55 0.58 -15.49
C LEU A 132 -12.36 2.02 -15.95
N ALA A 133 -13.30 2.51 -16.74
CA ALA A 133 -13.22 3.87 -17.28
C ALA A 133 -14.60 4.43 -17.63
N ILE A 134 -14.73 5.73 -17.43
CA ILE A 134 -15.96 6.42 -17.76
C ILE A 134 -15.63 7.60 -18.62
N PHE A 135 -16.16 7.59 -19.84
CA PHE A 135 -15.96 8.68 -20.77
C PHE A 135 -17.20 9.58 -20.77
N ARG A 136 -17.03 10.82 -20.28
CA ARG A 136 -18.13 11.80 -20.17
C ARG A 136 -17.65 13.25 -20.27
N GLY A 137 -18.38 14.06 -21.04
CA GLY A 137 -18.18 15.50 -21.14
C GLY A 137 -16.73 15.90 -21.41
N GLY A 138 -16.34 17.05 -20.85
CA GLY A 138 -14.97 17.54 -20.94
C GLY A 138 -14.56 17.95 -22.33
N LYS A 139 -13.25 18.08 -22.50
CA LYS A 139 -12.73 18.48 -23.79
C LYS A 139 -11.55 17.57 -24.14
N ARG A 140 -11.58 17.06 -25.37
CA ARG A 140 -10.54 16.20 -25.91
C ARG A 140 -9.11 16.63 -25.56
N GLN A 141 -8.32 15.70 -25.04
CA GLN A 141 -6.88 15.94 -24.88
C GLN A 141 -6.10 14.93 -25.75
N GLU A 142 -5.16 15.45 -26.55
CA GLU A 142 -4.37 14.62 -27.45
C GLU A 142 -3.55 13.55 -26.72
N ARG A 143 -3.17 13.83 -25.48
CA ARG A 143 -2.30 12.91 -24.74
C ARG A 143 -2.96 11.54 -24.51
N TYR A 144 -4.28 11.48 -24.51
CA TYR A 144 -4.98 10.19 -24.33
C TYR A 144 -5.10 9.32 -25.58
N ALA A 145 -4.83 9.89 -26.75
CA ALA A 145 -5.10 9.21 -28.01
C ALA A 145 -3.90 8.40 -28.42
N VAL A 146 -4.15 7.34 -29.18
CA VAL A 146 -3.09 6.55 -29.79
C VAL A 146 -2.32 7.48 -30.70
N PRO A 147 -0.98 7.47 -30.57
CA PRO A 147 -0.12 8.18 -31.53
C PRO A 147 -0.03 7.41 -32.83
N MET B 5 17.13 17.14 1.47
CA MET B 5 16.69 16.67 0.17
C MET B 5 15.49 15.72 0.30
N LEU B 6 14.28 16.26 0.20
CA LEU B 6 13.06 15.49 0.45
C LEU B 6 12.43 14.87 -0.79
N GLN B 7 11.66 13.81 -0.59
CA GLN B 7 10.91 13.24 -1.69
C GLN B 7 9.47 13.12 -1.26
N ILE B 8 8.57 13.36 -2.21
CA ILE B 8 7.13 13.24 -1.96
C ILE B 8 6.51 12.27 -2.95
N GLU B 9 5.70 11.34 -2.44
CA GLU B 9 5.02 10.38 -3.31
C GLU B 9 3.68 10.94 -3.70
N PHE B 10 3.35 10.91 -4.99
CA PHE B 10 2.06 11.41 -5.46
C PHE B 10 1.27 10.29 -6.14
N ILE B 11 -0.06 10.42 -6.13
CA ILE B 11 -0.91 9.68 -7.07
C ILE B 11 -1.29 10.71 -8.11
N THR B 12 -0.93 10.49 -9.38
CA THR B 12 -1.17 11.51 -10.38
C THR B 12 -2.65 11.63 -10.72
N ASP B 13 -2.97 12.54 -11.63
CA ASP B 13 -4.34 12.64 -12.13
C ASP B 13 -4.75 11.38 -12.91
N LEU B 14 -3.79 10.54 -13.28
CA LEU B 14 -4.09 9.28 -14.01
C LEU B 14 -3.93 8.05 -13.13
N GLY B 15 -3.80 8.28 -11.82
CA GLY B 15 -3.67 7.17 -10.89
C GLY B 15 -2.24 6.65 -10.65
N ALA B 16 -1.27 7.10 -11.44
CA ALA B 16 0.13 6.63 -11.32
C ALA B 16 0.75 6.93 -9.94
N ARG B 17 1.51 5.98 -9.42
CA ARG B 17 2.28 6.19 -8.19
C ARG B 17 3.65 6.75 -8.53
N VAL B 18 3.80 8.04 -8.26
CA VAL B 18 4.96 8.78 -8.74
C VAL B 18 5.66 9.50 -7.58
N THR B 19 6.99 9.47 -7.59
CA THR B 19 7.79 10.17 -6.57
C THR B 19 8.58 11.33 -7.19
N VAL B 20 8.52 12.48 -6.53
CA VAL B 20 9.14 13.70 -7.03
C VAL B 20 10.21 14.16 -6.03
N ASN B 21 11.26 14.81 -6.52
CA ASN B 21 12.31 15.34 -5.66
C ASN B 21 12.03 16.80 -5.27
N VAL B 22 12.27 17.11 -4.00
CA VAL B 22 12.17 18.47 -3.49
C VAL B 22 13.52 18.93 -2.93
N GLU B 23 14.00 20.09 -3.38
CA GLU B 23 15.31 20.61 -2.97
C GLU B 23 15.40 20.88 -1.46
N HIS B 24 14.61 21.83 -0.97
CA HIS B 24 14.56 22.12 0.46
C HIS B 24 13.15 21.93 1.03
N GLU B 25 13.08 21.51 2.29
CA GLU B 25 11.81 21.31 2.98
C GLU B 25 10.94 22.58 2.93
N SER B 26 11.59 23.74 2.88
CA SER B 26 10.90 25.02 2.80
C SER B 26 10.03 25.12 1.55
N ARG B 27 10.46 24.48 0.46
CA ARG B 27 9.76 24.56 -0.81
C ARG B 27 8.70 23.45 -0.99
N LEU B 28 8.44 22.71 0.08
CA LEU B 28 7.54 21.56 0.03
C LEU B 28 6.11 21.93 -0.35
N LEU B 29 5.56 22.94 0.32
CA LEU B 29 4.19 23.34 0.04
C LEU B 29 4.02 23.83 -1.39
N ASP B 30 5.07 24.50 -1.89
CA ASP B 30 5.05 24.99 -3.25
C ASP B 30 5.01 23.85 -4.27
N VAL B 31 5.65 22.73 -3.92
CA VAL B 31 5.61 21.54 -4.77
C VAL B 31 4.22 20.92 -4.70
N GLN B 32 3.62 20.91 -3.51
CA GLN B 32 2.28 20.37 -3.38
C GLN B 32 1.26 21.19 -4.14
N ARG B 33 1.39 22.52 -4.07
CA ARG B 33 0.50 23.40 -4.84
C ARG B 33 0.69 23.15 -6.33
N HIS B 34 1.95 23.03 -6.76
CA HIS B 34 2.26 22.89 -8.18
C HIS B 34 1.57 21.65 -8.78
N TYR B 35 1.88 20.47 -8.27
CA TYR B 35 1.24 19.24 -8.77
C TYR B 35 -0.22 19.12 -8.33
N GLY B 36 -0.53 19.67 -7.15
CA GLY B 36 -1.89 19.67 -6.64
C GLY B 36 -2.84 20.39 -7.58
N ARG B 37 -2.30 21.37 -8.30
CA ARG B 37 -3.06 22.15 -9.27
C ARG B 37 -3.41 21.32 -10.50
N LEU B 38 -2.78 20.16 -10.64
CA LEU B 38 -3.04 19.30 -11.78
C LEU B 38 -3.92 18.14 -11.32
N GLY B 39 -4.27 18.15 -10.04
CA GLY B 39 -5.10 17.10 -9.48
C GLY B 39 -4.30 15.99 -8.80
N TRP B 40 -2.97 16.13 -8.78
CA TRP B 40 -2.13 15.16 -8.06
C TRP B 40 -2.38 15.27 -6.57
N THR B 41 -2.47 14.12 -5.90
CA THR B 41 -2.67 14.09 -4.45
C THR B 41 -1.53 13.34 -3.76
N SER B 42 -1.29 13.66 -2.48
CA SER B 42 -0.32 12.91 -1.70
C SER B 42 -0.94 12.39 -0.41
N GLY B 43 -0.95 11.08 -0.23
CA GLY B 43 -1.51 10.48 0.96
C GLY B 43 -3.02 10.38 0.89
N GLU B 44 -3.64 10.00 2.00
CA GLU B 44 -5.08 9.77 2.02
C GLU B 44 -5.81 10.89 2.78
N ILE B 45 -7.09 11.05 2.52
CA ILE B 45 -7.92 11.94 3.31
C ILE B 45 -8.06 11.34 4.70
N PRO B 46 -7.76 12.11 5.75
CA PRO B 46 -7.97 11.51 7.08
C PRO B 46 -9.45 11.36 7.36
N SER B 47 -9.83 10.36 8.16
CA SER B 47 -11.23 10.14 8.48
C SER B 47 -11.83 11.37 9.14
N GLY B 48 -12.97 11.81 8.63
CA GLY B 48 -13.59 13.04 9.08
C GLY B 48 -13.15 14.18 8.19
N GLY B 49 -12.14 13.93 7.37
CA GLY B 49 -11.67 14.93 6.44
C GLY B 49 -10.57 15.76 7.07
N TYR B 50 -9.79 16.42 6.23
CA TYR B 50 -8.74 17.30 6.70
C TYR B 50 -9.32 18.31 7.69
N GLN B 51 -8.51 18.72 8.64
CA GLN B 51 -8.93 19.69 9.65
C GLN B 51 -8.17 21.00 9.42
N PHE B 52 -8.92 22.10 9.34
CA PHE B 52 -8.29 23.41 9.22
C PHE B 52 -9.00 24.40 10.13
N PRO B 53 -8.36 25.55 10.41
CA PRO B 53 -9.07 26.53 11.22
C PRO B 53 -10.08 27.31 10.39
N ILE B 54 -11.20 27.71 10.99
CA ILE B 54 -12.33 28.27 10.24
C ILE B 54 -11.97 29.57 9.56
N GLU B 55 -10.92 30.23 10.06
CA GLU B 55 -10.47 31.50 9.50
C GLU B 55 -9.67 31.30 8.22
N ASN B 56 -9.42 30.05 7.86
CA ASN B 56 -8.74 29.73 6.62
C ASN B 56 -9.68 29.33 5.49
N GLU B 57 -10.98 29.30 5.79
CA GLU B 57 -11.95 28.76 4.85
C GLU B 57 -12.16 29.63 3.61
N ALA B 58 -12.26 30.95 3.83
CA ALA B 58 -12.61 31.88 2.77
C ALA B 58 -11.63 31.94 1.59
N ASP B 59 -10.34 31.71 1.85
CA ASP B 59 -9.33 31.78 0.80
C ASP B 59 -8.33 30.62 0.88
N PHE B 60 -8.81 29.50 1.42
CA PHE B 60 -8.03 28.27 1.45
C PHE B 60 -7.48 27.95 0.06
N ASP B 61 -6.24 27.49 0.01
CA ASP B 61 -5.67 27.08 -1.25
C ASP B 61 -5.97 25.60 -1.43
N TRP B 62 -7.03 25.31 -2.17
CA TRP B 62 -7.45 23.94 -2.40
C TRP B 62 -6.41 23.10 -3.13
N SER B 63 -5.61 23.72 -3.99
CA SER B 63 -4.55 22.97 -4.69
C SER B 63 -3.58 22.29 -3.71
N LEU B 64 -3.47 22.81 -2.49
CA LEU B 64 -2.64 22.16 -1.47
C LEU B 64 -2.97 20.69 -1.26
N ILE B 65 -4.24 20.32 -1.44
CA ILE B 65 -4.67 18.94 -1.23
C ILE B 65 -5.15 18.32 -2.55
N GLY B 66 -4.76 18.95 -3.66
CA GLY B 66 -5.05 18.42 -4.99
C GLY B 66 -6.49 18.68 -5.41
N ALA B 67 -7.08 19.76 -4.89
CA ALA B 67 -8.49 20.03 -5.12
C ALA B 67 -8.65 21.35 -5.87
N ARG B 68 -9.83 21.58 -6.43
CA ARG B 68 -10.17 22.90 -6.99
C ARG B 68 -11.67 23.23 -6.79
N LYS B 69 -11.98 24.52 -6.61
CA LYS B 69 -13.36 25.00 -6.44
C LYS B 69 -14.03 25.10 -7.80
N TRP B 70 -15.34 24.92 -7.81
CA TRP B 70 -16.11 25.17 -9.02
C TRP B 70 -17.52 25.52 -8.63
N LYS B 71 -18.07 26.55 -9.25
CA LYS B 71 -19.47 26.88 -9.08
C LYS B 71 -20.25 26.22 -10.19
N SER B 72 -21.14 25.31 -9.80
CA SER B 72 -21.88 24.49 -10.75
C SER B 72 -23.01 25.29 -11.39
N PRO B 73 -23.57 24.78 -12.50
CA PRO B 73 -24.70 25.44 -13.15
C PRO B 73 -25.94 25.57 -12.26
N GLU B 74 -25.98 24.86 -11.14
CA GLU B 74 -27.07 25.02 -10.19
C GLU B 74 -26.68 26.05 -9.13
N GLY B 75 -25.51 26.67 -9.32
CA GLY B 75 -25.06 27.75 -8.47
C GLY B 75 -24.52 27.32 -7.12
N GLU B 76 -24.32 26.02 -6.97
CA GLU B 76 -23.80 25.50 -5.70
C GLU B 76 -22.30 25.38 -5.77
N GLU B 77 -21.63 25.82 -4.69
CA GLU B 77 -20.18 25.81 -4.61
C GLU B 77 -19.64 24.40 -4.36
N LEU B 78 -18.93 23.84 -5.34
CA LEU B 78 -18.33 22.53 -5.21
C LEU B 78 -16.82 22.64 -5.08
N VAL B 79 -16.24 21.61 -4.50
CA VAL B 79 -14.81 21.39 -4.55
C VAL B 79 -14.65 20.01 -5.20
N ILE B 80 -13.87 19.97 -6.27
CA ILE B 80 -13.65 18.73 -6.97
C ILE B 80 -12.32 18.14 -6.51
N HIS B 81 -12.33 16.88 -6.10
CA HIS B 81 -11.14 16.23 -5.57
C HIS B 81 -11.16 14.77 -6.00
N ARG B 82 -10.12 14.36 -6.72
CA ARG B 82 -10.01 13.01 -7.27
C ARG B 82 -11.30 12.59 -8.00
N GLY B 83 -11.80 13.47 -8.86
CA GLY B 83 -13.05 13.21 -9.57
C GLY B 83 -14.35 13.36 -8.79
N HIS B 84 -14.29 13.45 -7.46
CA HIS B 84 -15.52 13.53 -6.67
C HIS B 84 -15.91 14.98 -6.41
N ALA B 85 -17.20 15.23 -6.22
CA ALA B 85 -17.63 16.59 -5.90
C ALA B 85 -17.99 16.62 -4.44
N TYR B 86 -17.49 17.62 -3.74
CA TYR B 86 -17.85 17.84 -2.33
C TYR B 86 -18.59 19.18 -2.19
N ARG B 87 -19.75 19.15 -1.53
CA ARG B 87 -20.56 20.36 -1.35
C ARG B 87 -20.23 21.09 -0.07
N ARG B 88 -20.25 22.41 -0.14
CA ARG B 88 -20.03 23.27 1.03
C ARG B 88 -21.25 23.26 1.96
N ARG B 89 -21.03 23.02 3.24
CA ARG B 89 -22.12 23.02 4.22
C ARG B 89 -21.78 23.91 5.40
N GLU B 90 -22.53 24.99 5.55
CA GLU B 90 -22.40 25.85 6.72
C GLU B 90 -23.11 25.20 7.92
N LEU B 91 -22.36 24.98 8.99
CA LEU B 91 -22.94 24.42 10.22
C LEU B 91 -22.73 25.37 11.40
N GLU B 92 -23.70 25.41 12.30
CA GLU B 92 -23.62 26.23 13.50
C GLU B 92 -23.82 25.36 14.74
N ALA B 93 -23.50 25.89 15.91
CA ALA B 93 -23.53 25.12 17.15
C ALA B 93 -24.89 24.49 17.42
N PRO B 102 -20.29 23.83 18.32
CA PRO B 102 -19.25 24.66 17.70
C PRO B 102 -19.43 24.76 16.18
N ALA B 103 -19.69 25.96 15.68
CA ALA B 103 -19.91 26.18 14.26
C ALA B 103 -18.74 25.70 13.40
N ALA B 104 -19.06 25.26 12.19
CA ALA B 104 -18.05 24.73 11.29
C ALA B 104 -18.53 24.74 9.85
N ILE B 105 -17.58 24.67 8.92
CA ILE B 105 -17.90 24.54 7.50
C ILE B 105 -17.37 23.20 6.96
N LYS B 106 -18.28 22.36 6.50
CA LYS B 106 -17.90 21.04 6.02
C LYS B 106 -18.03 20.95 4.52
N TYR B 107 -17.06 20.28 3.91
CA TYR B 107 -17.15 19.92 2.50
C TYR B 107 -17.38 18.42 2.42
N SER B 108 -18.57 18.02 1.96
CA SER B 108 -19.03 16.64 2.07
C SER B 108 -19.66 16.13 0.79
N ARG B 109 -19.59 14.81 0.59
CA ARG B 109 -20.30 14.13 -0.49
C ARG B 109 -21.15 13.00 0.11
N GLY B 110 -22.10 12.49 -0.66
CA GLY B 110 -22.86 11.33 -0.25
C GLY B 110 -21.97 10.09 -0.15
N ALA B 111 -22.25 9.26 0.84
CA ALA B 111 -21.53 8.01 1.04
C ALA B 111 -21.87 7.02 -0.06
N LYS B 112 -20.93 6.13 -0.37
CA LYS B 112 -21.13 5.13 -1.41
C LYS B 112 -20.79 3.77 -0.83
N VAL B 113 -21.28 2.69 -1.47
CA VAL B 113 -21.04 1.34 -0.98
C VAL B 113 -19.55 1.00 -0.88
N SER B 114 -18.73 1.69 -1.67
CA SER B 114 -17.29 1.51 -1.57
C SER B 114 -16.64 2.21 -0.35
N ASP B 115 -17.37 3.12 0.30
CA ASP B 115 -16.85 3.81 1.50
C ASP B 115 -17.02 2.98 2.76
N PRO B 116 -15.90 2.64 3.43
CA PRO B 116 -15.96 1.91 4.71
C PRO B 116 -16.77 2.65 5.78
N GLN B 117 -17.24 1.93 6.80
CA GLN B 117 -18.18 2.49 7.76
C GLN B 117 -17.65 3.67 8.57
N HIS B 118 -16.36 3.65 8.88
CA HIS B 118 -15.76 4.66 9.76
C HIS B 118 -15.54 6.02 9.06
N VAL B 119 -15.63 6.01 7.74
CA VAL B 119 -15.47 7.20 6.91
C VAL B 119 -16.79 7.97 6.84
N ARG B 120 -17.89 7.29 7.19
CA ARG B 120 -19.22 7.87 7.05
C ARG B 120 -19.64 8.72 8.25
N GLU B 121 -20.42 9.77 7.99
CA GLU B 121 -20.89 10.66 9.06
C GLU B 121 -22.40 10.88 8.96
N LYS B 122 -23.08 10.85 10.10
CA LYS B 122 -24.53 11.04 10.13
C LYS B 122 -24.94 12.05 11.21
N ILE B 127 -29.33 9.99 6.46
CA ILE B 127 -28.43 10.15 5.32
C ILE B 127 -26.96 10.09 5.74
N GLU B 128 -26.13 9.43 4.94
CA GLU B 128 -24.70 9.29 5.24
C GLU B 128 -23.81 10.16 4.36
N TYR B 129 -22.91 10.91 5.00
CA TYR B 129 -21.96 11.80 4.32
C TYR B 129 -20.50 11.38 4.51
N VAL B 130 -19.63 11.82 3.60
CA VAL B 130 -18.19 11.63 3.71
C VAL B 130 -17.52 12.98 3.44
N SER B 131 -16.68 13.45 4.37
CA SER B 131 -16.15 14.81 4.26
C SER B 131 -14.73 14.90 3.74
N LEU B 132 -14.52 15.77 2.76
CA LEU B 132 -13.16 16.06 2.30
C LEU B 132 -12.40 16.88 3.35
N ALA B 133 -13.07 17.87 3.93
CA ALA B 133 -12.41 18.80 4.83
C ALA B 133 -13.40 19.54 5.72
N ILE B 134 -12.89 20.00 6.85
CA ILE B 134 -13.72 20.64 7.85
C ILE B 134 -13.01 21.85 8.40
N PHE B 135 -13.67 23.00 8.36
CA PHE B 135 -13.06 24.23 8.84
C PHE B 135 -13.77 24.60 10.14
N ARG B 136 -12.98 24.69 11.21
CA ARG B 136 -13.53 24.82 12.56
C ARG B 136 -12.43 25.33 13.49
N GLY B 137 -12.81 26.28 14.35
CA GLY B 137 -11.93 26.78 15.39
C GLY B 137 -10.51 27.13 14.97
N GLY B 138 -9.56 26.77 15.82
CA GLY B 138 -8.15 26.93 15.54
C GLY B 138 -7.74 28.38 15.40
N LYS B 139 -6.54 28.58 14.84
CA LYS B 139 -6.04 29.92 14.56
C LYS B 139 -5.58 29.98 13.11
N ARG B 140 -5.97 31.03 12.40
CA ARG B 140 -5.64 31.18 10.99
C ARG B 140 -4.15 31.04 10.68
N GLN B 141 -3.82 30.11 9.79
CA GLN B 141 -2.43 29.89 9.39
C GLN B 141 -2.26 30.38 7.96
N GLU B 142 -1.31 31.30 7.76
CA GLU B 142 -1.15 31.94 6.45
C GLU B 142 -0.75 30.97 5.33
N ARG B 143 0.03 29.96 5.67
CA ARG B 143 0.49 28.97 4.69
C ARG B 143 -0.66 28.26 3.96
N TYR B 144 -1.82 28.17 4.61
CA TYR B 144 -2.97 27.46 4.06
C TYR B 144 -3.75 28.26 3.02
N ALA B 145 -3.56 29.57 2.98
CA ALA B 145 -4.32 30.42 2.06
C ALA B 145 -3.66 30.51 0.69
N VAL B 146 -4.43 30.95 -0.30
CA VAL B 146 -3.89 31.18 -1.63
C VAL B 146 -2.84 32.30 -1.61
N PRO B 147 -1.58 31.96 -1.95
CA PRO B 147 -0.50 32.95 -2.04
C PRO B 147 -0.82 34.04 -3.06
N MET C 5 22.50 7.27 3.98
CA MET C 5 22.67 5.88 4.37
C MET C 5 21.39 5.34 5.03
N LEU C 6 20.52 6.25 5.45
CA LEU C 6 19.19 5.89 5.95
C LEU C 6 18.14 6.88 5.47
N GLN C 7 16.91 6.38 5.28
CA GLN C 7 15.78 7.25 4.96
C GLN C 7 14.64 7.00 5.91
N ILE C 8 13.83 8.02 6.16
CA ILE C 8 12.63 7.83 6.98
C ILE C 8 11.39 8.38 6.25
N GLU C 9 10.33 7.57 6.24
CA GLU C 9 9.07 7.97 5.59
C GLU C 9 8.15 8.63 6.60
N PHE C 10 7.73 9.86 6.32
CA PHE C 10 6.80 10.56 7.18
C PHE C 10 5.41 10.74 6.52
N ILE C 11 4.39 10.86 7.36
CA ILE C 11 3.17 11.50 6.95
C ILE C 11 3.19 12.90 7.57
N THR C 12 3.20 13.92 6.72
CA THR C 12 3.17 15.30 7.22
C THR C 12 1.83 15.64 7.85
N ASP C 13 1.76 16.79 8.53
CA ASP C 13 0.52 17.30 9.14
C ASP C 13 -0.59 17.53 8.10
N LEU C 14 -0.20 17.68 6.84
CA LEU C 14 -1.14 17.80 5.73
C LEU C 14 -1.47 16.44 5.12
N GLY C 15 -0.80 15.39 5.58
CA GLY C 15 -1.11 14.06 5.11
C GLY C 15 -0.20 13.59 3.99
N ALA C 16 0.67 14.47 3.52
CA ALA C 16 1.54 14.14 2.42
C ALA C 16 2.52 13.03 2.83
N ARG C 17 2.78 12.10 1.90
CA ARG C 17 3.75 11.03 2.11
C ARG C 17 5.14 11.50 1.69
N VAL C 18 5.97 11.80 2.68
CA VAL C 18 7.28 12.41 2.44
C VAL C 18 8.46 11.59 3.00
N THR C 19 9.54 11.50 2.23
CA THR C 19 10.73 10.74 2.62
C THR C 19 11.94 11.65 2.90
N VAL C 20 12.59 11.44 4.05
CA VAL C 20 13.73 12.29 4.47
C VAL C 20 15.05 11.52 4.59
N ASN C 21 16.13 12.12 4.09
CA ASN C 21 17.47 11.54 4.24
C ASN C 21 18.03 11.72 5.64
N VAL C 22 18.73 10.71 6.15
CA VAL C 22 19.35 10.75 7.48
C VAL C 22 20.84 10.37 7.43
N GLU C 23 21.68 11.20 8.04
CA GLU C 23 23.15 11.02 8.04
C GLU C 23 23.59 9.62 8.49
N HIS C 24 23.50 9.38 9.80
CA HIS C 24 23.83 8.06 10.33
C HIS C 24 22.72 7.56 11.24
N GLU C 25 22.73 6.27 11.53
CA GLU C 25 21.79 5.67 12.46
C GLU C 25 21.68 6.45 13.79
N SER C 26 22.79 7.02 14.26
CA SER C 26 22.80 7.78 15.51
C SER C 26 22.03 9.11 15.45
N ARG C 27 21.79 9.61 14.23
CA ARG C 27 21.09 10.87 14.04
C ARG C 27 19.59 10.68 13.84
N LEU C 28 19.10 9.46 14.05
CA LEU C 28 17.73 9.11 13.68
C LEU C 28 16.65 9.75 14.56
N LEU C 29 16.82 9.64 15.88
CA LEU C 29 15.82 10.14 16.81
C LEU C 29 15.69 11.66 16.74
N ASP C 30 16.80 12.32 16.44
CA ASP C 30 16.80 13.77 16.26
C ASP C 30 16.04 14.19 15.00
N VAL C 31 16.23 13.47 13.89
CA VAL C 31 15.45 13.76 12.69
C VAL C 31 13.97 13.53 13.01
N GLN C 32 13.69 12.55 13.85
CA GLN C 32 12.30 12.31 14.26
C GLN C 32 11.76 13.44 15.12
N ARG C 33 12.57 13.93 16.06
CA ARG C 33 12.17 15.10 16.85
C ARG C 33 11.92 16.32 15.97
N HIS C 34 12.81 16.53 15.00
CA HIS C 34 12.79 17.74 14.19
C HIS C 34 11.49 17.84 13.41
N TYR C 35 11.14 16.77 12.71
CA TYR C 35 9.90 16.75 11.96
C TYR C 35 8.69 16.46 12.84
N GLY C 36 8.91 15.78 13.97
CA GLY C 36 7.86 15.53 14.94
C GLY C 36 7.31 16.83 15.48
N ARG C 37 8.21 17.79 15.68
CA ARG C 37 7.82 19.11 16.17
C ARG C 37 6.86 19.78 15.19
N LEU C 38 6.92 19.38 13.92
CA LEU C 38 6.03 19.95 12.92
C LEU C 38 4.73 19.16 12.82
N GLY C 39 4.57 18.19 13.71
CA GLY C 39 3.40 17.31 13.69
C GLY C 39 3.45 16.15 12.70
N TRP C 40 4.59 15.95 12.05
CA TRP C 40 4.74 14.78 11.18
C TRP C 40 4.88 13.50 12.00
N THR C 41 4.36 12.39 11.49
CA THR C 41 4.46 11.11 12.17
C THR C 41 5.07 10.06 11.23
N SER C 42 5.66 9.02 11.81
CA SER C 42 6.23 7.95 11.00
C SER C 42 5.71 6.60 11.44
N GLY C 43 5.03 5.92 10.53
CA GLY C 43 4.38 4.66 10.85
C GLY C 43 3.09 4.89 11.61
N GLU C 44 2.62 3.82 12.23
CA GLU C 44 1.33 3.78 12.91
C GLU C 44 1.50 3.69 14.41
N ILE C 45 0.43 3.99 15.15
CA ILE C 45 0.41 3.75 16.57
C ILE C 45 0.06 2.28 16.72
N PRO C 46 0.92 1.53 17.43
CA PRO C 46 0.70 0.10 17.69
C PRO C 46 -0.57 -0.13 18.51
N SER C 47 -1.18 -1.30 18.37
CA SER C 47 -2.39 -1.63 19.11
C SER C 47 -2.13 -1.48 20.60
N GLY C 48 -3.02 -0.75 21.28
CA GLY C 48 -2.87 -0.48 22.70
C GLY C 48 -2.03 0.74 22.95
N GLY C 49 -1.64 1.43 21.89
CA GLY C 49 -0.79 2.59 21.99
C GLY C 49 0.67 2.18 22.07
N TYR C 50 1.57 3.16 21.95
CA TYR C 50 3.00 2.89 22.12
C TYR C 50 3.26 2.40 23.53
N GLN C 51 4.39 1.73 23.75
CA GLN C 51 4.79 1.26 25.07
C GLN C 51 6.10 1.88 25.52
N PHE C 52 6.07 2.57 26.66
CA PHE C 52 7.25 3.24 27.18
C PHE C 52 7.44 2.93 28.67
N PRO C 53 8.68 3.08 29.18
CA PRO C 53 8.90 2.80 30.60
C PRO C 53 8.32 3.90 31.50
N ILE C 54 7.84 3.51 32.67
CA ILE C 54 7.16 4.44 33.59
C ILE C 54 8.05 5.58 34.03
N GLU C 55 9.36 5.37 34.04
CA GLU C 55 10.29 6.39 34.51
C GLU C 55 10.58 7.42 33.43
N ASN C 56 10.19 7.09 32.20
CA ASN C 56 10.36 7.99 31.07
C ASN C 56 9.19 8.94 30.90
N GLU C 57 8.12 8.72 31.65
CA GLU C 57 6.93 9.56 31.54
C GLU C 57 7.23 10.98 32.00
N ALA C 58 8.22 11.11 32.88
CA ALA C 58 8.59 12.39 33.47
C ALA C 58 8.95 13.45 32.46
N ASP C 59 10.06 13.25 31.75
CA ASP C 59 10.59 14.25 30.82
C ASP C 59 10.47 13.80 29.36
N PHE C 60 9.44 13.01 29.06
CA PHE C 60 9.31 12.42 27.73
C PHE C 60 9.21 13.44 26.59
N ASP C 61 10.04 13.25 25.57
CA ASP C 61 10.05 14.13 24.42
C ASP C 61 8.95 13.72 23.45
N TRP C 62 7.77 14.31 23.61
CA TRP C 62 6.61 13.94 22.78
C TRP C 62 6.86 14.13 21.30
N SER C 63 7.75 15.05 20.93
CA SER C 63 8.08 15.26 19.52
C SER C 63 8.62 13.99 18.82
N LEU C 64 9.07 13.03 19.61
CA LEU C 64 9.54 11.76 19.05
C LEU C 64 8.49 11.05 18.18
N ILE C 65 7.22 11.23 18.52
CA ILE C 65 6.14 10.57 17.80
C ILE C 65 5.17 11.57 17.20
N GLY C 66 5.66 12.79 16.96
CA GLY C 66 4.87 13.83 16.33
C GLY C 66 3.81 14.42 17.24
N ALA C 67 3.98 14.25 18.55
CA ALA C 67 3.00 14.74 19.50
C ALA C 67 3.43 16.07 20.13
N ARG C 68 2.49 16.74 20.79
CA ARG C 68 2.76 18.02 21.44
C ARG C 68 1.91 18.11 22.71
N LYS C 69 2.42 18.79 23.71
CA LYS C 69 1.63 19.05 24.91
C LYS C 69 0.94 20.41 24.78
N TRP C 70 -0.28 20.53 25.34
CA TRP C 70 -1.05 21.76 25.23
C TRP C 70 -0.50 22.87 26.13
N LEU C 78 -3.03 18.48 28.35
CA LEU C 78 -3.37 17.58 27.25
C LEU C 78 -2.18 17.29 26.34
N VAL C 79 -2.33 16.29 25.48
CA VAL C 79 -1.32 16.00 24.46
C VAL C 79 -1.97 15.78 23.09
N ILE C 80 -1.55 16.59 22.12
CA ILE C 80 -2.12 16.52 20.79
C ILE C 80 -1.23 15.71 19.84
N HIS C 81 -1.86 14.81 19.10
CA HIS C 81 -1.20 13.95 18.15
C HIS C 81 -2.14 13.71 16.97
N ARG C 82 -1.69 14.04 15.77
CA ARG C 82 -2.53 13.96 14.56
C ARG C 82 -3.89 14.60 14.80
N GLY C 83 -3.89 15.75 15.46
CA GLY C 83 -5.11 16.51 15.66
C GLY C 83 -6.10 15.98 16.66
N HIS C 84 -5.73 14.94 17.41
CA HIS C 84 -6.59 14.43 18.48
C HIS C 84 -6.01 14.78 19.83
N ALA C 85 -6.85 14.93 20.85
CA ALA C 85 -6.39 15.26 22.19
C ALA C 85 -6.49 14.08 23.15
N TYR C 86 -5.36 13.70 23.72
CA TYR C 86 -5.30 12.63 24.70
C TYR C 86 -5.03 13.19 26.10
N ARG C 87 -5.57 12.52 27.11
CA ARG C 87 -5.45 12.99 28.49
C ARG C 87 -4.66 12.01 29.38
N ARG C 88 -3.93 12.56 30.35
CA ARG C 88 -3.14 11.76 31.28
C ARG C 88 -4.00 11.07 32.34
N ARG C 89 -3.81 9.75 32.48
CA ARG C 89 -4.57 8.97 33.44
C ARG C 89 -3.61 8.12 34.28
N GLU C 90 -3.85 8.10 35.59
CA GLU C 90 -2.99 7.34 36.50
C GLU C 90 -3.61 5.98 36.80
N LEU C 91 -2.76 4.94 36.74
CA LEU C 91 -3.20 3.58 37.04
C LEU C 91 -2.25 2.91 38.03
N GLU C 92 -2.74 2.70 39.25
CA GLU C 92 -1.94 2.04 40.29
C GLU C 92 -2.33 0.57 40.42
N ILE C 105 1.05 5.48 33.73
CA ILE C 105 0.46 6.67 33.13
C ILE C 105 0.03 6.43 31.69
N LYS C 106 -1.24 6.12 31.49
CA LYS C 106 -1.76 5.90 30.15
C LYS C 106 -2.41 7.17 29.59
N TYR C 107 -2.11 7.45 28.33
CA TYR C 107 -2.73 8.56 27.62
C TYR C 107 -3.72 8.02 26.60
N SER C 108 -4.93 8.56 26.61
CA SER C 108 -5.98 8.09 25.70
C SER C 108 -7.07 9.12 25.47
N ARG C 109 -8.08 8.71 24.69
CA ARG C 109 -9.20 9.58 24.36
C ARG C 109 -10.43 8.73 24.03
N GLY C 110 -11.62 9.30 24.23
CA GLY C 110 -12.85 8.63 23.83
C GLY C 110 -12.88 8.39 22.33
N ALA C 111 -13.38 7.22 21.94
CA ALA C 111 -13.41 6.84 20.53
C ALA C 111 -14.45 7.64 19.73
N LYS C 112 -14.00 8.27 18.65
CA LYS C 112 -14.88 9.04 17.78
C LYS C 112 -15.59 8.15 16.75
N VAL C 113 -16.51 8.72 15.99
CA VAL C 113 -17.26 7.95 14.99
C VAL C 113 -16.40 7.65 13.76
N SER C 114 -15.27 8.33 13.67
CA SER C 114 -14.38 8.16 12.54
C SER C 114 -13.22 7.22 12.84
N ASP C 115 -13.18 6.66 14.05
CA ASP C 115 -12.14 5.70 14.42
C ASP C 115 -12.54 4.28 14.06
N PRO C 116 -11.63 3.54 13.40
CA PRO C 116 -11.86 2.14 13.00
C PRO C 116 -12.23 1.25 14.19
N GLN C 117 -12.78 0.08 13.93
CA GLN C 117 -13.12 -0.88 14.98
C GLN C 117 -11.86 -1.33 15.70
N HIS C 118 -10.76 -1.45 14.96
CA HIS C 118 -9.45 -1.66 15.56
C HIS C 118 -9.08 -0.42 16.36
N VAL C 119 -8.08 -0.52 17.23
CA VAL C 119 -7.68 0.59 18.10
C VAL C 119 -8.76 1.02 19.10
N ARG C 120 -10.01 0.70 18.80
CA ARG C 120 -11.15 0.97 19.68
C ARG C 120 -11.13 0.02 20.88
N GLU C 121 -10.42 0.40 21.94
CA GLU C 121 -10.35 -0.40 23.16
C GLU C 121 -11.15 0.23 24.30
N GLU C 128 -16.11 2.53 24.63
CA GLU C 128 -14.79 2.19 24.11
C GLU C 128 -13.85 3.40 24.08
N TYR C 129 -12.55 3.13 24.19
CA TYR C 129 -11.54 4.19 24.17
C TYR C 129 -10.43 3.88 23.15
N VAL C 130 -9.55 4.87 22.90
CA VAL C 130 -8.37 4.68 22.04
C VAL C 130 -7.10 5.28 22.68
N SER C 131 -6.07 4.45 22.86
CA SER C 131 -4.86 4.87 23.56
C SER C 131 -3.69 5.24 22.62
N LEU C 132 -2.99 6.31 22.98
CA LEU C 132 -1.80 6.75 22.25
C LEU C 132 -0.54 6.16 22.89
N ALA C 133 -0.40 6.33 24.19
CA ALA C 133 0.77 5.82 24.88
C ALA C 133 0.43 5.34 26.28
N ILE C 134 1.05 4.23 26.66
CA ILE C 134 0.90 3.68 27.99
C ILE C 134 2.27 3.52 28.64
N PHE C 135 2.46 4.12 29.82
CA PHE C 135 3.73 3.99 30.51
C PHE C 135 3.68 2.95 31.63
N ARG C 136 4.47 1.88 31.47
CA ARG C 136 4.55 0.80 32.44
C ARG C 136 5.94 0.18 32.40
N GLY C 137 6.47 -0.13 33.58
CA GLY C 137 7.68 -0.95 33.71
C GLY C 137 8.96 -0.46 33.07
N GLY C 138 9.77 -1.43 32.61
CA GLY C 138 11.00 -1.14 31.88
C GLY C 138 12.03 -0.29 32.60
N LYS C 139 13.17 -0.08 31.94
CA LYS C 139 14.22 0.79 32.47
C LYS C 139 14.24 2.12 31.71
N ARG C 140 14.40 3.22 32.44
CA ARG C 140 14.41 4.55 31.85
C ARG C 140 15.49 4.72 30.80
N GLN C 141 15.08 4.80 29.54
CA GLN C 141 16.01 5.05 28.43
C GLN C 141 16.23 6.55 28.25
N GLU C 142 17.49 6.97 28.25
CA GLU C 142 17.82 8.40 28.15
C GLU C 142 17.34 9.01 26.84
N ARG C 143 17.42 8.23 25.76
CA ARG C 143 17.05 8.72 24.44
C ARG C 143 15.58 9.13 24.31
N TYR C 144 14.73 8.59 25.18
CA TYR C 144 13.30 8.87 25.10
C TYR C 144 12.88 10.20 25.70
N ALA C 145 13.72 10.80 26.54
CA ALA C 145 13.34 12.04 27.19
C ALA C 145 13.81 13.29 26.44
N VAL C 146 13.27 14.44 26.81
CA VAL C 146 13.74 15.72 26.29
C VAL C 146 15.22 15.88 26.61
N PRO C 147 16.03 16.17 25.59
CA PRO C 147 17.47 16.40 25.79
C PRO C 147 17.73 17.64 26.64
N MET D 5 24.12 -1.81 -4.96
CA MET D 5 23.56 -1.71 -3.61
C MET D 5 22.20 -2.40 -3.45
N LEU D 6 21.78 -2.55 -2.20
CA LEU D 6 20.48 -3.09 -1.84
C LEU D 6 19.83 -2.14 -0.83
N GLN D 7 18.53 -2.28 -0.63
CA GLN D 7 17.85 -1.56 0.45
C GLN D 7 16.99 -2.53 1.24
N ILE D 8 16.81 -2.24 2.53
CA ILE D 8 15.94 -3.06 3.36
C ILE D 8 15.09 -2.18 4.27
N GLU D 9 13.79 -2.45 4.28
CA GLU D 9 12.84 -1.62 5.02
C GLU D 9 12.56 -2.19 6.37
N PHE D 10 12.63 -1.33 7.39
CA PHE D 10 12.41 -1.74 8.77
C PHE D 10 11.26 -0.96 9.39
N ILE D 11 10.60 -1.56 10.36
CA ILE D 11 9.83 -0.81 11.33
C ILE D 11 10.70 -0.81 12.57
N THR D 12 11.02 0.37 13.09
CA THR D 12 11.89 0.43 14.24
C THR D 12 11.09 0.11 15.49
N ASP D 13 11.79 0.14 16.63
CA ASP D 13 11.17 -0.10 17.92
C ASP D 13 10.20 1.02 18.27
N LEU D 14 10.27 2.14 17.54
CA LEU D 14 9.34 3.26 17.76
C LEU D 14 8.25 3.33 16.69
N GLY D 15 8.21 2.36 15.79
CA GLY D 15 7.20 2.35 14.75
C GLY D 15 7.60 3.10 13.49
N ALA D 16 8.72 3.80 13.56
CA ALA D 16 9.20 4.60 12.43
C ALA D 16 9.46 3.72 11.21
N ARG D 17 9.16 4.24 10.03
CA ARG D 17 9.40 3.48 8.79
C ARG D 17 10.72 3.94 8.19
N VAL D 18 11.72 3.08 8.27
CA VAL D 18 13.08 3.46 7.98
C VAL D 18 13.67 2.51 6.95
N THR D 19 14.39 3.06 5.97
CA THR D 19 15.03 2.25 4.95
C THR D 19 16.56 2.37 5.08
N VAL D 20 17.21 1.22 5.17
CA VAL D 20 18.65 1.15 5.37
C VAL D 20 19.35 0.70 4.09
N ASN D 21 20.36 1.47 3.69
CA ASN D 21 21.21 1.09 2.56
C ASN D 21 22.16 -0.03 2.95
N VAL D 22 22.29 -1.01 2.05
CA VAL D 22 23.26 -2.07 2.22
C VAL D 22 24.19 -2.03 1.01
N GLU D 23 25.50 -1.98 1.28
CA GLU D 23 26.50 -1.85 0.23
C GLU D 23 26.71 -3.13 -0.61
N HIS D 24 26.48 -4.29 -0.01
CA HIS D 24 26.72 -5.57 -0.69
C HIS D 24 25.79 -6.64 -0.14
N GLU D 25 25.28 -7.49 -1.03
CA GLU D 25 24.28 -8.48 -0.65
C GLU D 25 24.76 -9.48 0.39
N SER D 26 26.03 -9.87 0.29
CA SER D 26 26.61 -10.87 1.17
C SER D 26 26.47 -10.49 2.65
N ARG D 27 26.28 -9.22 2.92
CA ARG D 27 26.15 -8.75 4.30
C ARG D 27 24.71 -8.40 4.71
N LEU D 28 23.73 -8.85 3.91
CA LEU D 28 22.32 -8.57 4.22
C LEU D 28 21.89 -9.12 5.57
N LEU D 29 22.27 -10.37 5.83
CA LEU D 29 21.94 -11.00 7.11
C LEU D 29 22.57 -10.26 8.28
N ASP D 30 23.82 -9.82 8.12
CA ASP D 30 24.50 -9.05 9.16
C ASP D 30 23.71 -7.76 9.49
N VAL D 31 23.31 -7.03 8.45
CA VAL D 31 22.46 -5.85 8.61
C VAL D 31 21.16 -6.19 9.35
N GLN D 32 20.58 -7.35 9.02
CA GLN D 32 19.34 -7.80 9.66
C GLN D 32 19.56 -8.13 11.13
N ARG D 33 20.69 -8.78 11.41
CA ARG D 33 21.05 -9.09 12.78
C ARG D 33 21.28 -7.79 13.55
N HIS D 34 21.94 -6.83 12.90
CA HIS D 34 22.30 -5.57 13.56
C HIS D 34 21.08 -4.82 14.04
N TYR D 35 20.14 -4.59 13.14
CA TYR D 35 18.94 -3.87 13.49
C TYR D 35 17.95 -4.77 14.20
N GLY D 36 18.08 -6.07 13.96
CA GLY D 36 17.24 -7.04 14.64
C GLY D 36 17.51 -7.01 16.14
N ARG D 37 18.76 -6.77 16.51
CA ARG D 37 19.14 -6.70 17.93
C ARG D 37 18.36 -5.59 18.65
N LEU D 38 18.00 -4.56 17.89
CA LEU D 38 17.33 -3.38 18.43
C LEU D 38 15.82 -3.55 18.54
N GLY D 39 15.31 -4.68 18.09
CA GLY D 39 13.87 -4.87 18.04
C GLY D 39 13.24 -4.31 16.76
N TRP D 40 14.07 -4.01 15.78
CA TRP D 40 13.53 -3.62 14.48
C TRP D 40 13.08 -4.84 13.67
N THR D 41 11.96 -4.74 12.98
CA THR D 41 11.44 -5.82 12.15
C THR D 41 11.33 -5.38 10.70
N SER D 42 11.42 -6.35 9.79
CA SER D 42 11.28 -6.10 8.36
C SER D 42 10.20 -7.00 7.78
N GLY D 43 9.13 -6.36 7.29
CA GLY D 43 8.01 -7.09 6.73
C GLY D 43 7.11 -7.55 7.87
N GLU D 44 6.32 -8.57 7.57
CA GLU D 44 5.28 -9.05 8.46
C GLU D 44 5.51 -10.50 8.85
N ILE D 45 4.89 -10.92 9.94
CA ILE D 45 4.90 -12.34 10.30
C ILE D 45 3.96 -13.08 9.37
N PRO D 46 4.47 -14.06 8.61
CA PRO D 46 3.62 -14.82 7.69
C PRO D 46 2.45 -15.45 8.44
N SER D 47 1.31 -15.63 7.78
CA SER D 47 0.16 -16.27 8.42
C SER D 47 0.57 -17.68 8.84
N GLY D 48 0.22 -18.06 10.06
CA GLY D 48 0.60 -19.37 10.55
C GLY D 48 1.93 -19.34 11.26
N GLY D 49 2.65 -18.22 11.15
CA GLY D 49 3.96 -18.06 11.75
C GLY D 49 5.05 -18.09 10.70
N TYR D 50 6.30 -17.86 11.09
CA TYR D 50 7.42 -18.14 10.19
C TYR D 50 7.59 -19.65 10.11
N GLN D 51 8.28 -20.12 9.07
CA GLN D 51 8.56 -21.56 8.94
C GLN D 51 10.05 -21.82 8.88
N PHE D 52 10.55 -22.55 9.87
CA PHE D 52 11.97 -22.90 9.90
C PHE D 52 12.15 -24.40 10.15
N PRO D 53 13.29 -24.96 9.70
CA PRO D 53 13.58 -26.37 9.94
C PRO D 53 13.63 -26.68 11.43
N ILE D 54 13.21 -27.89 11.80
CA ILE D 54 13.22 -28.27 13.21
C ILE D 54 14.65 -28.34 13.71
N GLU D 55 15.58 -28.61 12.79
CA GLU D 55 16.99 -28.74 13.13
C GLU D 55 17.66 -27.39 13.41
N ASN D 56 16.92 -26.30 13.19
CA ASN D 56 17.44 -24.95 13.40
C ASN D 56 17.03 -24.33 14.73
N GLU D 57 16.06 -24.96 15.40
CA GLU D 57 15.44 -24.41 16.61
C GLU D 57 16.44 -24.10 17.72
N ALA D 58 17.27 -25.08 18.06
CA ALA D 58 18.19 -25.01 19.18
C ALA D 58 18.90 -23.66 19.31
N ASP D 59 19.55 -23.25 18.22
CA ASP D 59 20.38 -22.06 18.24
C ASP D 59 19.96 -21.11 17.12
N PHE D 60 18.66 -20.99 16.93
CA PHE D 60 18.13 -20.03 15.97
C PHE D 60 18.44 -18.62 16.41
N ASP D 61 18.93 -17.82 15.48
CA ASP D 61 19.26 -16.43 15.73
C ASP D 61 18.02 -15.54 15.61
N TRP D 62 17.26 -15.48 16.70
CA TRP D 62 16.03 -14.69 16.81
C TRP D 62 16.15 -13.24 16.37
N SER D 63 17.36 -12.67 16.45
CA SER D 63 17.57 -11.31 15.97
C SER D 63 17.24 -11.15 14.48
N LEU D 64 17.33 -12.24 13.71
CA LEU D 64 17.00 -12.22 12.29
C LEU D 64 15.58 -11.71 12.03
N ILE D 65 14.68 -11.97 12.98
CA ILE D 65 13.30 -11.51 12.87
C ILE D 65 13.00 -10.48 13.95
N GLY D 66 14.05 -9.85 14.46
CA GLY D 66 13.91 -8.78 15.41
C GLY D 66 13.33 -9.21 16.74
N ALA D 67 13.51 -10.49 17.08
CA ALA D 67 13.05 -11.06 18.34
C ALA D 67 14.23 -11.29 19.31
N ARG D 68 13.91 -11.56 20.57
CA ARG D 68 14.91 -12.05 21.51
C ARG D 68 14.36 -13.22 22.33
N LYS D 69 15.23 -14.15 22.72
CA LYS D 69 14.80 -15.29 23.53
C LYS D 69 14.98 -14.99 25.03
N TRP D 70 14.05 -15.48 25.86
CA TRP D 70 14.21 -15.40 27.31
C TRP D 70 14.07 -16.76 27.97
N LYS D 71 15.08 -17.15 28.75
CA LYS D 71 15.05 -18.38 29.53
C LYS D 71 15.07 -18.04 31.00
N SER D 72 14.01 -18.48 31.70
CA SER D 72 13.97 -18.41 33.14
C SER D 72 14.92 -19.46 33.70
N PRO D 73 15.75 -19.10 34.70
CA PRO D 73 16.50 -20.13 35.44
C PRO D 73 15.55 -21.15 36.09
N GLU D 74 14.29 -20.77 36.25
CA GLU D 74 13.26 -21.68 36.72
C GLU D 74 12.93 -22.74 35.65
N GLY D 75 13.28 -22.45 34.40
CA GLY D 75 13.14 -23.41 33.32
C GLY D 75 12.13 -23.04 32.23
N GLU D 76 11.83 -21.75 32.08
CA GLU D 76 10.85 -21.31 31.09
C GLU D 76 11.48 -20.55 29.91
N GLU D 77 11.20 -21.01 28.69
CA GLU D 77 11.74 -20.39 27.48
C GLU D 77 10.69 -19.50 26.79
N LEU D 78 11.05 -18.25 26.54
CA LEU D 78 10.13 -17.27 25.97
C LEU D 78 10.80 -16.50 24.84
N VAL D 79 9.98 -16.02 23.91
CA VAL D 79 10.48 -15.15 22.84
C VAL D 79 9.69 -13.85 22.75
N ILE D 80 10.43 -12.74 22.83
CA ILE D 80 9.85 -11.42 22.76
C ILE D 80 10.00 -10.85 21.36
N HIS D 81 8.88 -10.42 20.77
CA HIS D 81 8.83 -9.86 19.44
C HIS D 81 7.75 -8.77 19.42
N ARG D 82 8.10 -7.60 18.91
CA ARG D 82 7.24 -6.40 18.97
C ARG D 82 6.52 -6.23 20.30
N GLY D 83 7.22 -6.43 21.41
CA GLY D 83 6.62 -6.27 22.73
C GLY D 83 5.65 -7.36 23.20
N HIS D 84 5.42 -8.36 22.36
CA HIS D 84 4.58 -9.50 22.75
C HIS D 84 5.44 -10.70 23.13
N ALA D 85 4.95 -11.52 24.07
CA ALA D 85 5.68 -12.70 24.52
C ALA D 85 5.11 -13.97 23.93
N TYR D 86 5.96 -14.77 23.29
CA TYR D 86 5.50 -16.02 22.69
C TYR D 86 6.07 -17.21 23.46
N ARG D 87 5.18 -17.94 24.13
CA ARG D 87 5.57 -19.11 24.91
C ARG D 87 5.95 -20.26 23.97
N ARG D 88 6.79 -21.17 24.47
CA ARG D 88 7.32 -22.27 23.68
C ARG D 88 6.62 -23.56 24.03
N ILE D 105 7.84 -28.05 17.59
CA ILE D 105 8.24 -26.82 18.27
C ILE D 105 7.54 -25.60 17.69
N LYS D 106 6.67 -24.97 18.48
CA LYS D 106 5.94 -23.80 18.03
C LYS D 106 5.94 -22.68 19.08
N TYR D 107 6.28 -21.47 18.63
CA TYR D 107 6.25 -20.30 19.50
C TYR D 107 5.00 -19.47 19.23
N SER D 108 4.07 -19.51 20.18
CA SER D 108 2.77 -18.89 20.00
C SER D 108 2.31 -18.15 21.24
N ARG D 109 1.27 -17.35 21.09
CA ARG D 109 0.61 -16.71 22.22
C ARG D 109 -0.90 -16.77 22.02
N GLY D 110 -1.64 -16.04 22.85
CA GLY D 110 -3.08 -15.97 22.72
C GLY D 110 -3.51 -14.58 22.33
N ALA D 111 -4.12 -14.45 21.15
CA ALA D 111 -4.57 -13.15 20.67
C ALA D 111 -5.81 -12.68 21.42
N VAL D 130 -2.19 -17.33 17.93
CA VAL D 130 -1.29 -16.78 16.92
C VAL D 130 0.16 -17.18 17.20
N SER D 131 0.82 -17.75 16.19
CA SER D 131 2.21 -18.17 16.36
C SER D 131 3.18 -17.22 15.66
N LEU D 132 4.39 -17.11 16.21
CA LEU D 132 5.41 -16.27 15.61
C LEU D 132 6.20 -17.07 14.59
N ALA D 133 6.60 -18.27 14.99
CA ALA D 133 7.43 -19.12 14.13
C ALA D 133 7.24 -20.56 14.52
N ILE D 134 7.32 -21.43 13.52
CA ILE D 134 7.23 -22.86 13.76
C ILE D 134 8.45 -23.59 13.23
N PHE D 135 9.01 -24.46 14.07
CA PHE D 135 10.15 -25.26 13.69
C PHE D 135 9.68 -26.69 13.46
N ARG D 136 9.67 -27.10 12.19
CA ARG D 136 9.29 -28.46 11.82
C ARG D 136 9.96 -28.86 10.52
N GLY D 137 10.53 -30.06 10.51
CA GLY D 137 11.03 -30.67 9.29
C GLY D 137 12.12 -29.90 8.58
N GLY D 138 12.05 -29.89 7.25
CA GLY D 138 13.01 -29.16 6.44
C GLY D 138 14.44 -29.62 6.59
N LYS D 139 15.34 -28.98 5.86
CA LYS D 139 16.77 -29.23 5.98
C LYS D 139 17.44 -28.03 6.65
N ARG D 140 18.28 -28.31 7.65
CA ARG D 140 18.93 -27.26 8.42
C ARG D 140 19.75 -26.30 7.55
N GLN D 141 19.61 -25.00 7.80
CA GLN D 141 20.37 -23.97 7.09
C GLN D 141 21.33 -23.29 8.07
N GLU D 142 22.60 -23.19 7.69
CA GLU D 142 23.63 -22.66 8.57
C GLU D 142 23.46 -21.17 8.91
N ARG D 143 23.09 -20.39 7.91
CA ARG D 143 23.06 -18.93 8.04
C ARG D 143 22.02 -18.44 9.06
N TYR D 144 21.05 -19.29 9.39
CA TYR D 144 20.00 -18.91 10.33
C TYR D 144 20.52 -18.91 11.75
N ALA D 145 21.37 -19.88 12.06
CA ALA D 145 21.92 -20.04 13.40
C ALA D 145 22.70 -18.82 13.89
N VAL D 146 22.69 -18.60 15.20
CA VAL D 146 23.59 -17.65 15.83
C VAL D 146 25.03 -17.98 15.43
N PRO D 147 25.76 -16.99 14.90
CA PRO D 147 27.11 -17.26 14.38
C PRO D 147 28.10 -17.58 15.49
N THR E 4 18.99 5.12 -15.95
CA THR E 4 18.18 4.19 -16.73
C THR E 4 18.03 2.86 -15.99
N MET E 5 18.25 2.89 -14.69
CA MET E 5 18.14 1.68 -13.88
C MET E 5 16.72 1.49 -13.39
N LEU E 6 16.41 0.25 -13.00
CA LEU E 6 15.13 -0.10 -12.43
C LEU E 6 15.38 -0.70 -11.07
N GLN E 7 14.33 -0.81 -10.27
CA GLN E 7 14.41 -1.47 -8.98
C GLN E 7 13.29 -2.47 -8.80
N ILE E 8 13.61 -3.62 -8.22
CA ILE E 8 12.56 -4.59 -7.92
C ILE E 8 12.50 -4.89 -6.42
N GLU E 9 11.28 -4.83 -5.89
CA GLU E 9 11.07 -5.01 -4.46
C GLU E 9 10.68 -6.45 -4.15
N PHE E 10 11.47 -7.12 -3.30
CA PHE E 10 11.22 -8.51 -2.92
C PHE E 10 10.81 -8.68 -1.47
N ILE E 11 10.15 -9.80 -1.21
CA ILE E 11 10.05 -10.35 0.14
C ILE E 11 10.93 -11.59 0.20
N THR E 12 11.99 -11.53 1.02
CA THR E 12 12.92 -12.64 1.15
C THR E 12 12.36 -13.84 1.91
N ASP E 13 13.19 -14.86 2.06
CA ASP E 13 12.83 -16.07 2.81
C ASP E 13 12.62 -15.79 4.30
N LEU E 14 13.10 -14.64 4.77
CA LEU E 14 12.90 -14.26 6.16
C LEU E 14 11.83 -13.17 6.23
N GLY E 15 11.11 -12.98 5.12
CA GLY E 15 10.01 -12.04 5.09
C GLY E 15 10.47 -10.59 5.01
N ALA E 16 11.77 -10.38 4.87
CA ALA E 16 12.29 -9.01 4.85
C ALA E 16 11.91 -8.28 3.57
N ARG E 17 11.66 -6.98 3.68
CA ARG E 17 11.31 -6.16 2.54
C ARG E 17 12.54 -5.56 1.89
N VAL E 18 12.98 -6.19 0.81
CA VAL E 18 14.27 -5.86 0.20
C VAL E 18 14.17 -5.45 -1.27
N THR E 19 14.95 -4.43 -1.62
CA THR E 19 14.94 -3.82 -2.94
C THR E 19 16.29 -4.01 -3.60
N VAL E 20 16.24 -4.35 -4.88
CA VAL E 20 17.43 -4.70 -5.65
C VAL E 20 17.46 -3.86 -6.92
N ASN E 21 18.65 -3.47 -7.37
CA ASN E 21 18.79 -2.69 -8.60
C ASN E 21 18.90 -3.60 -9.83
N VAL E 22 18.45 -3.08 -10.97
CA VAL E 22 18.47 -3.80 -12.23
C VAL E 22 18.94 -2.83 -13.32
N GLU E 23 19.97 -3.23 -14.07
CA GLU E 23 20.57 -2.39 -15.11
C GLU E 23 19.59 -1.88 -16.17
N HIS E 24 18.73 -2.78 -16.65
CA HIS E 24 17.83 -2.51 -17.77
C HIS E 24 16.65 -3.48 -17.66
N GLU E 25 15.56 -3.19 -18.35
CA GLU E 25 14.38 -4.05 -18.29
C GLU E 25 14.68 -5.43 -18.91
N SER E 26 15.70 -5.47 -19.75
CA SER E 26 16.14 -6.72 -20.37
C SER E 26 16.46 -7.78 -19.32
N ARG E 27 17.26 -7.40 -18.34
CA ARG E 27 17.70 -8.39 -17.36
C ARG E 27 16.77 -8.46 -16.15
N LEU E 28 15.56 -7.92 -16.31
CA LEU E 28 14.57 -7.94 -15.24
C LEU E 28 14.15 -9.36 -14.88
N LEU E 29 13.83 -10.18 -15.88
CA LEU E 29 13.46 -11.57 -15.63
C LEU E 29 14.64 -12.38 -15.08
N ASP E 30 15.85 -12.03 -15.51
CA ASP E 30 17.05 -12.65 -14.98
C ASP E 30 17.17 -12.40 -13.47
N VAL E 31 16.88 -11.18 -13.05
CA VAL E 31 16.96 -10.87 -11.62
C VAL E 31 15.89 -11.62 -10.81
N GLN E 32 14.66 -11.67 -11.34
CA GLN E 32 13.59 -12.44 -10.69
C GLN E 32 13.93 -13.93 -10.60
N ARG E 33 14.47 -14.49 -11.68
CA ARG E 33 14.97 -15.88 -11.61
C ARG E 33 16.00 -16.02 -10.50
N HIS E 34 16.97 -15.10 -10.50
CA HIS E 34 18.07 -15.15 -9.55
C HIS E 34 17.59 -15.22 -8.10
N TYR E 35 16.85 -14.21 -7.66
CA TYR E 35 16.37 -14.18 -6.28
C TYR E 35 15.21 -15.16 -6.05
N GLY E 36 14.49 -15.47 -7.13
CA GLY E 36 13.41 -16.44 -7.03
C GLY E 36 13.90 -17.85 -6.72
N ARG E 37 15.06 -18.20 -7.26
CA ARG E 37 15.75 -19.44 -6.90
C ARG E 37 16.07 -19.46 -5.37
N LEU E 38 16.12 -18.29 -4.75
CA LEU E 38 16.37 -18.22 -3.31
C LEU E 38 15.08 -18.26 -2.53
N GLY E 39 13.96 -18.32 -3.24
CA GLY E 39 12.67 -18.31 -2.59
C GLY E 39 12.16 -16.91 -2.30
N TRP E 40 12.82 -15.89 -2.86
CA TRP E 40 12.28 -14.53 -2.75
C TRP E 40 11.10 -14.36 -3.72
N THR E 41 10.11 -13.57 -3.34
CA THR E 41 8.96 -13.28 -4.20
C THR E 41 8.78 -11.77 -4.34
N SER E 42 8.14 -11.35 -5.43
CA SER E 42 7.77 -9.94 -5.59
C SER E 42 6.26 -9.80 -5.91
N GLY E 43 5.58 -8.95 -5.18
CA GLY E 43 4.14 -8.81 -5.30
C GLY E 43 3.39 -9.99 -4.73
N GLU E 44 2.08 -10.07 -5.02
CA GLU E 44 1.22 -11.09 -4.42
C GLU E 44 0.74 -12.10 -5.46
N ILE E 45 0.21 -13.22 -5.01
CA ILE E 45 -0.43 -14.15 -5.93
C ILE E 45 -1.81 -13.58 -6.30
N PRO E 46 -2.05 -13.35 -7.59
CA PRO E 46 -3.39 -12.82 -7.95
C PRO E 46 -4.48 -13.79 -7.54
N SER E 47 -5.63 -13.27 -7.12
CA SER E 47 -6.80 -14.07 -6.80
C SER E 47 -7.03 -15.05 -7.93
N GLY E 48 -7.18 -16.32 -7.59
CA GLY E 48 -7.36 -17.34 -8.61
C GLY E 48 -6.07 -18.04 -9.01
N GLY E 49 -4.93 -17.40 -8.72
CA GLY E 49 -3.62 -17.94 -9.06
C GLY E 49 -3.04 -17.23 -10.26
N TYR E 50 -1.73 -17.35 -10.49
CA TYR E 50 -1.13 -16.80 -11.70
C TYR E 50 -1.73 -17.50 -12.92
N GLN E 51 -1.86 -16.79 -14.03
CA GLN E 51 -2.48 -17.34 -15.24
C GLN E 51 -1.45 -17.46 -16.34
N PHE E 52 -1.11 -18.68 -16.70
CA PHE E 52 -0.13 -18.89 -17.76
C PHE E 52 -0.76 -19.74 -18.87
N PRO E 53 -0.16 -19.68 -20.07
CA PRO E 53 -0.59 -20.55 -21.18
C PRO E 53 -0.41 -22.03 -20.87
N ILE E 54 -1.25 -22.89 -21.44
CA ILE E 54 -1.18 -24.32 -21.17
C ILE E 54 0.14 -24.89 -21.69
N GLU E 55 0.59 -24.35 -22.82
CA GLU E 55 1.81 -24.79 -23.49
C GLU E 55 3.10 -24.34 -22.78
N ASN E 56 2.96 -23.58 -21.72
CA ASN E 56 4.13 -23.20 -20.92
C ASN E 56 4.30 -24.09 -19.70
N GLU E 57 3.37 -25.02 -19.48
CA GLU E 57 3.40 -25.79 -18.24
C GLU E 57 4.57 -26.76 -18.08
N ALA E 58 4.95 -27.45 -19.15
CA ALA E 58 5.91 -28.55 -19.03
C ALA E 58 7.28 -28.06 -18.54
N ASP E 59 7.75 -26.95 -19.10
CA ASP E 59 9.07 -26.42 -18.77
C ASP E 59 9.01 -25.01 -18.17
N PHE E 60 7.91 -24.68 -17.50
CA PHE E 60 7.80 -23.39 -16.82
C PHE E 60 8.92 -23.13 -15.80
N ASP E 61 9.48 -21.91 -15.79
CA ASP E 61 10.53 -21.56 -14.84
C ASP E 61 9.94 -21.10 -13.52
N TRP E 62 9.79 -22.03 -12.57
CA TRP E 62 9.13 -21.68 -11.31
C TRP E 62 9.82 -20.58 -10.49
N SER E 63 11.14 -20.42 -10.71
CA SER E 63 11.89 -19.38 -10.04
C SER E 63 11.34 -17.99 -10.40
N LEU E 64 10.73 -17.86 -11.57
CA LEU E 64 10.11 -16.59 -11.99
C LEU E 64 9.15 -16.01 -10.95
N ILE E 65 8.51 -16.89 -10.17
CA ILE E 65 7.64 -16.42 -9.10
C ILE E 65 8.15 -16.92 -7.77
N GLY E 66 9.46 -17.19 -7.70
CA GLY E 66 10.08 -17.59 -6.46
C GLY E 66 9.63 -18.94 -5.98
N ALA E 67 9.23 -19.80 -6.91
CA ALA E 67 8.78 -21.13 -6.56
C ALA E 67 9.82 -22.14 -7.01
N ARG E 68 9.72 -23.36 -6.50
CA ARG E 68 10.61 -24.42 -6.92
C ARG E 68 9.83 -25.68 -7.17
N LYS E 69 10.02 -26.27 -8.33
CA LYS E 69 9.33 -27.50 -8.68
C LYS E 69 10.15 -28.71 -8.27
N TRP E 70 9.51 -29.64 -7.59
CA TRP E 70 10.17 -30.89 -7.26
C TRP E 70 9.38 -32.07 -7.83
N LYS E 71 10.10 -33.12 -8.20
CA LYS E 71 9.47 -34.33 -8.74
C LYS E 71 10.02 -35.56 -8.02
N SER E 72 9.13 -36.28 -7.35
CA SER E 72 9.50 -37.45 -6.57
C SER E 72 9.93 -38.63 -7.46
N PRO E 73 10.62 -39.63 -6.88
CA PRO E 73 11.01 -40.78 -7.72
C PRO E 73 9.80 -41.46 -8.36
N GLU E 74 8.64 -41.30 -7.74
CA GLU E 74 7.40 -41.89 -8.25
C GLU E 74 6.73 -40.96 -9.28
N GLY E 75 7.34 -39.79 -9.52
CA GLY E 75 6.85 -38.87 -10.52
C GLY E 75 5.85 -37.85 -9.99
N GLU E 76 5.77 -37.73 -8.67
CA GLU E 76 4.86 -36.78 -8.05
C GLU E 76 5.39 -35.35 -8.19
N GLU E 77 4.58 -34.50 -8.78
CA GLU E 77 4.99 -33.12 -8.99
C GLU E 77 4.43 -32.22 -7.91
N LEU E 78 5.34 -31.59 -7.18
CA LEU E 78 4.99 -30.60 -6.18
C LEU E 78 5.72 -29.32 -6.48
N VAL E 79 5.13 -28.20 -6.07
CA VAL E 79 5.79 -26.92 -6.19
C VAL E 79 5.81 -26.27 -4.80
N ILE E 80 6.98 -25.75 -4.40
CA ILE E 80 7.13 -25.07 -3.11
C ILE E 80 7.18 -23.59 -3.38
N HIS E 81 6.40 -22.82 -2.61
CA HIS E 81 6.28 -21.38 -2.81
C HIS E 81 6.00 -20.76 -1.45
N ARG E 82 6.89 -19.88 -0.99
CA ARG E 82 6.78 -19.26 0.33
C ARG E 82 6.58 -20.30 1.43
N GLY E 83 7.32 -21.40 1.36
CA GLY E 83 7.24 -22.46 2.36
C GLY E 83 6.02 -23.37 2.28
N HIS E 84 5.15 -23.17 1.28
CA HIS E 84 3.98 -24.03 1.13
C HIS E 84 4.07 -24.97 -0.05
N ALA E 85 3.51 -26.16 0.11
CA ALA E 85 3.48 -27.15 -0.96
C ALA E 85 2.18 -27.05 -1.74
N TYR E 86 2.29 -26.93 -3.06
CA TYR E 86 1.13 -26.93 -3.96
C TYR E 86 1.19 -28.16 -4.88
N ARG E 87 0.08 -28.89 -4.98
CA ARG E 87 0.00 -30.10 -5.80
C ARG E 87 -0.52 -29.85 -7.21
N ARG E 88 -0.14 -30.71 -8.15
CA ARG E 88 -0.48 -30.56 -9.56
C ARG E 88 -1.70 -31.38 -9.92
N ARG E 89 -2.73 -30.74 -10.46
CA ARG E 89 -3.94 -31.45 -10.84
C ARG E 89 -4.30 -31.11 -12.27
N GLU E 90 -4.70 -32.14 -13.03
CA GLU E 90 -5.16 -31.96 -14.40
C GLU E 90 -6.69 -31.86 -14.42
N LEU E 91 -7.20 -30.86 -15.12
CA LEU E 91 -8.64 -30.64 -15.16
C LEU E 91 -9.04 -30.70 -16.59
N GLU E 92 -10.06 -31.49 -16.85
CA GLU E 92 -10.60 -31.63 -18.19
C GLU E 92 -11.47 -30.42 -18.55
N ALA E 93 -11.64 -30.22 -19.84
CA ALA E 93 -12.49 -29.16 -20.38
C ALA E 93 -13.92 -29.21 -19.83
N VAL E 94 -14.57 -28.06 -19.75
CA VAL E 94 -15.97 -28.01 -19.30
C VAL E 94 -16.84 -27.29 -20.31
N ASP E 95 -17.92 -27.94 -20.72
CA ASP E 95 -18.92 -27.28 -21.57
C ASP E 95 -20.27 -27.43 -20.91
N SER E 96 -20.77 -26.33 -20.35
CA SER E 96 -22.05 -26.36 -19.67
C SER E 96 -22.84 -25.10 -19.92
N ARG E 97 -23.95 -24.94 -19.20
CA ARG E 97 -24.87 -23.86 -19.49
C ARG E 97 -24.24 -22.49 -19.22
N LYS E 98 -23.18 -22.45 -18.40
CA LYS E 98 -22.54 -21.18 -18.00
C LYS E 98 -21.04 -21.09 -18.29
N LEU E 99 -20.46 -22.20 -18.71
CA LEU E 99 -19.02 -22.34 -18.82
C LEU E 99 -18.60 -22.84 -20.20
N LYS E 100 -17.50 -22.32 -20.69
CA LYS E 100 -16.82 -22.90 -21.83
C LYS E 100 -15.34 -22.84 -21.46
N LEU E 101 -14.88 -23.88 -20.76
CA LEU E 101 -13.54 -23.92 -20.19
C LEU E 101 -12.68 -24.96 -20.91
N PRO E 102 -11.57 -24.52 -21.49
CA PRO E 102 -10.65 -25.50 -22.09
C PRO E 102 -9.90 -26.25 -20.98
N ALA E 103 -9.21 -27.33 -21.34
CA ALA E 103 -8.49 -28.15 -20.37
C ALA E 103 -7.46 -27.33 -19.64
N ALA E 104 -7.05 -27.79 -18.47
CA ALA E 104 -6.15 -26.99 -17.66
C ALA E 104 -5.36 -27.82 -16.68
N ILE E 105 -4.23 -27.27 -16.25
CA ILE E 105 -3.44 -27.85 -15.19
C ILE E 105 -3.36 -26.79 -14.10
N LYS E 106 -3.70 -27.16 -12.88
CA LYS E 106 -3.78 -26.22 -11.78
C LYS E 106 -2.91 -26.67 -10.61
N TYR E 107 -2.22 -25.72 -10.00
CA TYR E 107 -1.41 -25.99 -8.83
C TYR E 107 -2.04 -25.32 -7.62
N SER E 108 -2.51 -26.13 -6.68
CA SER E 108 -3.22 -25.59 -5.53
C SER E 108 -2.88 -26.32 -4.23
N ARG E 109 -3.37 -25.78 -3.11
CA ARG E 109 -3.24 -26.46 -1.83
C ARG E 109 -4.49 -26.30 -1.00
N GLY E 110 -4.71 -27.27 -0.11
CA GLY E 110 -5.87 -27.29 0.75
C GLY E 110 -6.20 -28.69 1.23
N GLU E 128 -6.51 -24.24 4.86
CA GLU E 128 -6.82 -23.10 3.99
C GLU E 128 -6.56 -23.42 2.52
N TYR E 129 -7.59 -23.20 1.70
CA TYR E 129 -7.52 -23.47 0.26
C TYR E 129 -6.97 -22.29 -0.53
N VAL E 130 -6.05 -22.58 -1.47
CA VAL E 130 -5.47 -21.53 -2.32
C VAL E 130 -4.87 -22.05 -3.61
N SER E 131 -5.11 -21.34 -4.70
CA SER E 131 -4.55 -21.74 -5.98
C SER E 131 -3.37 -20.83 -6.33
N LEU E 132 -2.24 -21.43 -6.68
CA LEU E 132 -1.03 -20.65 -6.98
C LEU E 132 -0.96 -20.27 -8.44
N ALA E 133 -1.28 -21.22 -9.30
CA ALA E 133 -1.07 -21.04 -10.73
C ALA E 133 -2.00 -21.93 -11.52
N ILE E 134 -2.46 -21.40 -12.65
CA ILE E 134 -3.29 -22.16 -13.56
C ILE E 134 -2.73 -22.00 -14.97
N PHE E 135 -2.41 -23.15 -15.58
CA PHE E 135 -1.96 -23.20 -16.97
C PHE E 135 -3.16 -23.59 -17.82
N ARG E 136 -3.53 -22.72 -18.77
CA ARG E 136 -4.77 -22.90 -19.52
C ARG E 136 -4.85 -22.01 -20.74
N GLY E 137 -5.06 -22.62 -21.90
CA GLY E 137 -5.27 -21.87 -23.13
C GLY E 137 -4.11 -20.95 -23.48
N GLY E 138 -4.41 -19.78 -24.06
CA GLY E 138 -3.39 -18.82 -24.40
C GLY E 138 -2.37 -19.35 -25.39
N LYS E 139 -1.36 -18.54 -25.72
CA LYS E 139 -0.28 -18.97 -26.60
C LYS E 139 1.05 -19.07 -25.81
N ARG E 140 1.86 -20.08 -26.10
CA ARG E 140 3.15 -20.25 -25.41
C ARG E 140 4.07 -19.04 -25.59
N GLN E 141 4.64 -18.59 -24.48
CA GLN E 141 5.61 -17.51 -24.52
C GLN E 141 6.94 -18.04 -24.01
N GLU E 142 7.97 -17.93 -24.85
CA GLU E 142 9.29 -18.50 -24.58
C GLU E 142 9.89 -18.00 -23.28
N ARG E 143 9.65 -16.74 -22.96
CA ARG E 143 10.28 -16.12 -21.79
C ARG E 143 9.92 -16.82 -20.49
N TYR E 144 8.79 -17.53 -20.47
CA TYR E 144 8.31 -18.21 -19.26
C TYR E 144 9.04 -19.53 -19.00
N ALA E 145 9.74 -20.02 -20.00
CA ALA E 145 10.35 -21.35 -19.89
C ALA E 145 11.71 -21.29 -19.23
N VAL E 146 12.11 -22.41 -18.65
CA VAL E 146 13.47 -22.63 -18.21
C VAL E 146 14.40 -22.35 -19.38
N PRO E 147 15.27 -21.34 -19.24
CA PRO E 147 16.12 -20.93 -20.37
C PRO E 147 17.17 -21.99 -20.67
N GLY E 148 17.70 -21.94 -21.88
CA GLY E 148 18.68 -22.90 -22.34
C GLY E 148 18.05 -24.19 -22.86
#